data_9QPZ
#
_entry.id   9QPZ
#
_cell.length_a   40.398
_cell.length_b   51.974
_cell.length_c   89.65
_cell.angle_alpha   90
_cell.angle_beta   90
_cell.angle_gamma   90
#
_symmetry.space_group_name_H-M   'P 21 21 21'
#
loop_
_entity.id
_entity.type
_entity.pdbx_description
1 polymer 'Isoform 2B of GTPase KRas'
2 non-polymer 'MAGNESIUM ION'
3 non-polymer 'SULFATE ION'
4 non-polymer (4~{R})-4-[[(1~{S},5~{R})-3-[7-(8-ethynyl-7-fluoranyl-3-oxidanyl-naphthalen-1-yl)-8-fluoranyl-2-[[(2~{R},8~{S})-2-fluoranyl-1,2,3,5,6,7-hexahydropyrrolizin-8-yl]methoxy]pyrido[4,3-d]pyrimidin-4-yl]-3,8-diazabicyclo[3.2.1]octan-8-yl]carbonyl]-3,3-dimethyl-oxetan-2-one
5 non-polymer "GUANOSINE-5'-DIPHOSPHATE"
6 water water
#
_entity_poly.entity_id   1
_entity_poly.type   'polypeptide(L)'
_entity_poly.pdbx_seq_one_letter_code
;GMTEYKLVVVGAGGVGKSALTIQLIQNHFVDEYDPTIEDSYRKQVVIDGETCLLDILDTAGQEEYSAMRDQYMRTGEGFL
CVFAINNTKSFEDIHHYREQIKRVKDSEDVPMVLVGNKCDLPSRTVDTKQAQDLARSYGIPFIETSAKTRQGVDDAFYTL
VREIRKHKEK
;
_entity_poly.pdbx_strand_id   A
#
loop_
_chem_comp.id
_chem_comp.type
_chem_comp.name
_chem_comp.formula
A1I89 non-polymer (4~{R})-4-[[(1~{S},5~{R})-3-[7-(8-ethynyl-7-fluoranyl-3-oxidanyl-naphthalen-1-yl)-8-fluoranyl-2-[[(2~{R},8~{S})-2-fluoranyl-1,2,3,5,6,7-hexahydropyrrolizin-8-yl]methoxy]pyrido[4,3-d]pyrimidin-4-yl]-3,8-diazabicyclo[3.2.1]octan-8-yl]carbonyl]-3,3-dimethyl-oxetan-2-one 'C39 H37 F3 N6 O5'
GDP RNA linking GUANOSINE-5'-DIPHOSPHATE 'C10 H15 N5 O11 P2'
MG non-polymer 'MAGNESIUM ION' 'Mg 2'
SO4 non-polymer 'SULFATE ION' 'O4 S -2'
#
# COMPACT_ATOMS: atom_id res chain seq x y z
N MET A 2 -10.31 -21.71 0.69
CA MET A 2 -10.05 -20.46 1.41
C MET A 2 -9.70 -19.32 0.46
N THR A 3 -10.31 -18.14 0.66
CA THR A 3 -10.05 -17.00 -0.22
C THR A 3 -8.68 -16.38 -0.01
N GLU A 4 -7.94 -16.18 -1.10
CA GLU A 4 -6.66 -15.50 -1.04
C GLU A 4 -6.81 -14.11 -1.69
N TYR A 5 -6.17 -13.10 -1.12
CA TYR A 5 -6.17 -11.72 -1.66
C TYR A 5 -4.73 -11.36 -1.93
N LYS A 6 -4.43 -10.94 -3.19
CA LYS A 6 -3.08 -10.54 -3.54
C LYS A 6 -2.98 -9.01 -3.39
N LEU A 7 -2.23 -8.56 -2.39
CA LEU A 7 -2.12 -7.12 -2.11
C LEU A 7 -0.72 -6.69 -2.50
N VAL A 8 -0.60 -5.49 -3.08
CA VAL A 8 0.72 -4.98 -3.45
C VAL A 8 0.95 -3.61 -2.81
N VAL A 9 2.10 -3.38 -2.22
CA VAL A 9 2.44 -2.13 -1.54
C VAL A 9 3.40 -1.36 -2.41
N VAL A 10 2.95 -0.17 -2.86
CA VAL A 10 3.77 0.62 -3.79
C VAL A 10 3.96 2.02 -3.25
N GLY A 11 4.91 2.75 -3.85
CA GLY A 11 5.22 4.09 -3.38
C GLY A 11 6.72 4.33 -3.43
N ALA A 12 7.07 5.58 -3.21
CA ALA A 12 8.47 6.01 -3.30
C ALA A 12 9.40 5.28 -2.31
N GLY A 13 10.73 5.36 -2.55
CA GLY A 13 11.66 4.76 -1.61
C GLY A 13 11.61 5.49 -0.27
N GLY A 14 11.73 4.75 0.80
CA GLY A 14 11.83 5.31 2.13
C GLY A 14 10.54 5.72 2.80
N VAL A 15 9.39 5.38 2.17
CA VAL A 15 8.11 5.81 2.77
C VAL A 15 7.65 4.90 3.91
N GLY A 16 8.20 3.69 3.99
CA GLY A 16 7.86 2.70 5.00
C GLY A 16 7.06 1.51 4.47
N LYS A 17 7.20 1.17 3.18
CA LYS A 17 6.51 0.00 2.62
C LYS A 17 6.92 -1.27 3.33
N SER A 18 8.23 -1.45 3.50
CA SER A 18 8.69 -2.68 4.18
C SER A 18 8.32 -2.67 5.65
N ALA A 19 8.47 -1.51 6.30
CA ALA A 19 8.09 -1.44 7.72
C ALA A 19 6.60 -1.72 7.94
N LEU A 20 5.72 -1.22 7.05
CA LEU A 20 4.29 -1.51 7.16
C LEU A 20 4.03 -2.99 7.01
N THR A 21 4.73 -3.61 6.03
CA THR A 21 4.52 -5.03 5.72
C THR A 21 4.90 -5.89 6.90
N ILE A 22 6.09 -5.58 7.50
CA ILE A 22 6.59 -6.36 8.65
C ILE A 22 5.75 -6.10 9.90
N GLN A 23 5.24 -4.88 10.07
CA GLN A 23 4.37 -4.59 11.24
C GLN A 23 3.07 -5.42 11.09
N LEU A 24 2.50 -5.51 9.88
CA LEU A 24 1.33 -6.36 9.66
C LEU A 24 1.59 -7.88 9.93
N ILE A 25 2.65 -8.42 9.29
CA ILE A 25 2.96 -9.84 9.37
C ILE A 25 3.53 -10.26 10.74
N GLN A 26 4.39 -9.45 11.38
CA GLN A 26 5.13 -9.85 12.62
C GLN A 26 4.83 -9.06 13.88
N ASN A 27 4.00 -8.01 13.78
CA ASN A 27 3.70 -7.12 14.88
C ASN A 27 4.96 -6.54 15.53
N HIS A 28 5.96 -6.19 14.72
CA HIS A 28 7.18 -5.57 15.21
C HIS A 28 7.56 -4.48 14.22
N PHE A 29 8.17 -3.42 14.76
CA PHE A 29 8.71 -2.35 13.95
C PHE A 29 10.17 -2.64 13.61
N VAL A 30 10.49 -2.76 12.33
N VAL A 30 10.48 -2.68 12.31
CA VAL A 30 11.86 -2.99 11.89
CA VAL A 30 11.81 -2.85 11.78
C VAL A 30 12.46 -1.67 11.36
C VAL A 30 12.41 -1.51 11.40
N ASP A 31 13.46 -1.16 12.08
CA ASP A 31 14.18 0.08 11.82
C ASP A 31 14.99 -0.02 10.52
N GLU A 32 15.52 -1.23 10.22
CA GLU A 32 16.30 -1.40 9.02
C GLU A 32 15.87 -2.65 8.27
N TYR A 33 15.36 -2.42 7.07
CA TYR A 33 14.98 -3.49 6.19
C TYR A 33 15.60 -3.09 4.85
N ASP A 34 16.47 -3.96 4.30
CA ASP A 34 17.20 -3.72 3.06
C ASP A 34 16.35 -3.01 2.00
N PRO A 35 16.69 -1.75 1.67
CA PRO A 35 15.85 -0.97 0.76
C PRO A 35 15.69 -1.55 -0.63
N THR A 36 16.65 -2.42 -1.05
CA THR A 36 16.64 -2.92 -2.43
C THR A 36 15.77 -4.17 -2.60
N ILE A 37 15.32 -4.79 -1.48
CA ILE A 37 14.70 -6.11 -1.55
C ILE A 37 13.19 -6.10 -1.68
N GLU A 38 12.71 -6.79 -2.74
CA GLU A 38 11.31 -6.95 -3.03
C GLU A 38 10.95 -8.39 -2.67
N ASP A 39 9.93 -8.56 -1.86
CA ASP A 39 9.56 -9.91 -1.43
C ASP A 39 8.10 -9.95 -1.05
N SER A 40 7.58 -11.18 -0.88
CA SER A 40 6.20 -11.33 -0.48
C SER A 40 6.05 -12.21 0.74
N TYR A 41 4.95 -11.97 1.46
CA TYR A 41 4.67 -12.66 2.70
C TYR A 41 3.19 -13.04 2.75
N ARG A 42 2.86 -14.12 3.43
CA ARG A 42 1.45 -14.48 3.66
C ARG A 42 1.08 -14.25 5.12
N LYS A 43 -0.17 -13.84 5.35
CA LYS A 43 -0.73 -13.74 6.71
C LYS A 43 -2.17 -14.25 6.62
N GLN A 44 -2.58 -15.18 7.52
CA GLN A 44 -3.95 -15.69 7.54
C GLN A 44 -4.63 -14.87 8.61
N VAL A 45 -5.76 -14.26 8.28
CA VAL A 45 -6.47 -13.37 9.20
C VAL A 45 -7.95 -13.56 8.98
N VAL A 46 -8.76 -13.14 9.95
CA VAL A 46 -10.21 -13.16 9.78
C VAL A 46 -10.62 -11.70 9.65
N ILE A 47 -11.35 -11.34 8.58
CA ILE A 47 -11.77 -9.96 8.38
C ILE A 47 -13.25 -10.04 8.14
N ASP A 48 -14.04 -9.38 8.98
CA ASP A 48 -15.51 -9.42 8.88
C ASP A 48 -16.05 -10.83 8.83
N GLY A 49 -15.45 -11.70 9.63
CA GLY A 49 -15.92 -13.08 9.77
C GLY A 49 -15.36 -14.06 8.76
N GLU A 50 -14.68 -13.55 7.73
CA GLU A 50 -14.18 -14.41 6.67
C GLU A 50 -12.72 -14.72 6.93
N THR A 51 -12.31 -16.00 6.90
CA THR A 51 -10.90 -16.36 7.04
C THR A 51 -10.24 -16.05 5.67
N CYS A 52 -9.23 -15.19 5.64
CA CYS A 52 -8.50 -14.67 4.46
C CYS A 52 -7.10 -15.18 4.48
N LEU A 53 -6.50 -15.35 3.28
CA LEU A 53 -5.04 -15.50 3.20
C LEU A 53 -4.59 -14.20 2.50
N LEU A 54 -3.82 -13.37 3.16
CA LEU A 54 -3.35 -12.13 2.53
C LEU A 54 -1.98 -12.38 2.04
N ASP A 55 -1.75 -12.23 0.75
CA ASP A 55 -0.40 -12.36 0.19
C ASP A 55 0.06 -10.96 -0.10
N ILE A 56 1.04 -10.46 0.66
N ILE A 56 1.09 -10.47 0.61
CA ILE A 56 1.47 -9.07 0.54
CA ILE A 56 1.49 -9.07 0.47
C ILE A 56 2.76 -9.04 -0.27
C ILE A 56 2.83 -8.89 -0.16
N LEU A 57 2.84 -8.22 -1.32
CA LEU A 57 4.04 -8.01 -2.09
C LEU A 57 4.54 -6.61 -1.75
N ASP A 58 5.72 -6.52 -1.14
CA ASP A 58 6.37 -5.31 -0.74
C ASP A 58 7.37 -4.92 -1.85
N THR A 59 6.99 -3.94 -2.68
CA THR A 59 7.82 -3.61 -3.83
C THR A 59 9.09 -2.89 -3.51
N ALA A 60 10.12 -3.09 -4.35
CA ALA A 60 11.42 -2.46 -4.15
C ALA A 60 12.30 -2.76 -5.39
N GLY A 61 13.47 -2.13 -5.44
CA GLY A 61 14.47 -2.42 -6.45
C GLY A 61 14.61 -1.28 -7.41
N GLN A 62 15.62 -1.38 -8.26
CA GLN A 62 15.89 -0.37 -9.27
C GLN A 62 14.67 -0.16 -10.17
N GLU A 63 14.37 1.08 -10.55
CA GLU A 63 13.20 1.35 -11.38
C GLU A 63 13.37 0.71 -12.74
N GLU A 64 12.49 -0.26 -13.05
N GLU A 64 12.45 -0.15 -13.11
CA GLU A 64 12.50 -1.03 -14.30
CA GLU A 64 12.46 -0.76 -14.44
C GLU A 64 11.07 -1.25 -14.78
C GLU A 64 11.06 -1.15 -14.82
N TYR A 65 10.83 -1.27 -16.13
CA TYR A 65 9.50 -1.51 -16.70
C TYR A 65 9.43 -2.58 -17.79
N SER A 66 9.82 -3.78 -17.50
CA SER A 66 9.76 -4.87 -18.48
C SER A 66 8.34 -5.41 -18.65
N ALA A 67 8.09 -6.19 -19.73
CA ALA A 67 6.81 -6.83 -19.90
C ALA A 67 6.58 -7.85 -18.76
N MET A 68 7.65 -8.52 -18.29
CA MET A 68 7.54 -9.43 -17.14
C MET A 68 7.18 -8.70 -15.85
N ARG A 69 7.74 -7.49 -15.60
CA ARG A 69 7.37 -6.75 -14.40
C ARG A 69 5.91 -6.31 -14.49
N ASP A 70 5.47 -5.90 -15.72
CA ASP A 70 4.07 -5.48 -15.88
C ASP A 70 3.14 -6.65 -15.53
N GLN A 71 3.51 -7.87 -15.97
CA GLN A 71 2.68 -9.06 -15.68
C GLN A 71 2.73 -9.41 -14.19
N TYR A 72 3.88 -9.22 -13.54
CA TYR A 72 4.00 -9.47 -12.10
C TYR A 72 3.10 -8.49 -11.31
N MET A 73 3.14 -7.22 -11.66
CA MET A 73 2.31 -6.21 -10.96
C MET A 73 0.83 -6.42 -11.28
N ARG A 74 0.53 -6.88 -12.49
CA ARG A 74 -0.85 -7.16 -12.90
C ARG A 74 -1.47 -8.31 -12.03
N THR A 75 -0.64 -9.15 -11.35
CA THR A 75 -1.21 -10.19 -10.45
C THR A 75 -1.90 -9.56 -9.22
N GLY A 76 -1.55 -8.32 -8.88
CA GLY A 76 -2.17 -7.67 -7.73
C GLY A 76 -3.66 -7.47 -7.91
N GLU A 77 -4.43 -7.73 -6.85
CA GLU A 77 -5.87 -7.50 -6.85
C GLU A 77 -6.22 -6.17 -6.19
N GLY A 78 -5.33 -5.70 -5.32
CA GLY A 78 -5.51 -4.43 -4.65
C GLY A 78 -4.15 -3.84 -4.32
N PHE A 79 -4.08 -2.51 -4.27
CA PHE A 79 -2.81 -1.81 -4.08
C PHE A 79 -2.85 -0.80 -2.95
N LEU A 80 -1.82 -0.79 -2.09
CA LEU A 80 -1.70 0.29 -1.10
C LEU A 80 -0.72 1.27 -1.74
N CYS A 81 -1.16 2.51 -1.97
CA CYS A 81 -0.36 3.58 -2.52
C CYS A 81 0.15 4.37 -1.34
N VAL A 82 1.41 4.16 -0.97
CA VAL A 82 1.97 4.76 0.24
C VAL A 82 2.83 5.97 -0.02
N PHE A 83 2.59 7.06 0.74
CA PHE A 83 3.53 8.18 0.78
C PHE A 83 3.86 8.37 2.27
N ALA A 84 4.86 9.19 2.56
CA ALA A 84 5.21 9.55 3.93
C ALA A 84 4.79 11.00 4.17
N ILE A 85 4.13 11.25 5.33
CA ILE A 85 3.60 12.56 5.64
C ILE A 85 4.68 13.64 5.78
N ASN A 86 5.93 13.24 5.95
CA ASN A 86 7.04 14.19 6.09
C ASN A 86 7.82 14.34 4.76
N ASN A 87 7.30 13.84 3.62
CA ASN A 87 8.02 13.87 2.38
C ASN A 87 7.09 14.27 1.23
N THR A 88 7.14 15.57 0.88
CA THR A 88 6.25 16.08 -0.16
C THR A 88 6.48 15.39 -1.51
N LYS A 89 7.73 15.06 -1.85
CA LYS A 89 7.96 14.38 -3.14
C LYS A 89 7.27 13.01 -3.22
N SER A 90 7.26 12.28 -2.10
CA SER A 90 6.58 10.97 -2.09
C SER A 90 5.08 11.11 -2.32
N PHE A 91 4.49 12.22 -1.85
CA PHE A 91 3.07 12.46 -2.02
C PHE A 91 2.83 12.84 -3.51
N GLU A 92 3.71 13.65 -4.06
CA GLU A 92 3.62 14.10 -5.44
C GLU A 92 3.75 12.92 -6.42
N ASP A 93 4.53 11.89 -6.04
CA ASP A 93 4.70 10.69 -6.85
C ASP A 93 3.50 9.76 -6.87
N ILE A 94 2.50 9.98 -5.99
CA ILE A 94 1.35 9.07 -5.97
C ILE A 94 0.66 8.93 -7.33
N HIS A 95 0.52 10.04 -8.07
CA HIS A 95 -0.07 9.97 -9.41
C HIS A 95 0.64 8.93 -10.30
N HIS A 96 1.96 8.93 -10.27
CA HIS A 96 2.73 7.98 -11.09
C HIS A 96 2.37 6.52 -10.74
N TYR A 97 2.35 6.21 -9.42
CA TYR A 97 2.06 4.82 -9.04
C TYR A 97 0.62 4.47 -9.40
N ARG A 98 -0.34 5.38 -9.13
CA ARG A 98 -1.73 5.11 -9.53
C ARG A 98 -1.83 4.83 -11.06
N GLU A 99 -1.11 5.63 -11.85
CA GLU A 99 -1.21 5.46 -13.29
C GLU A 99 -0.55 4.18 -13.79
N GLN A 100 0.55 3.74 -13.13
CA GLN A 100 1.16 2.48 -13.56
C GLN A 100 0.25 1.31 -13.25
N ILE A 101 -0.48 1.37 -12.10
CA ILE A 101 -1.44 0.33 -11.75
C ILE A 101 -2.53 0.30 -12.82
N LYS A 102 -3.12 1.48 -13.12
CA LYS A 102 -4.21 1.51 -14.10
C LYS A 102 -3.70 1.06 -15.49
N ARG A 103 -2.44 1.39 -15.84
CA ARG A 103 -1.83 0.99 -17.12
C ARG A 103 -1.76 -0.53 -17.26
N VAL A 104 -1.21 -1.23 -16.23
CA VAL A 104 -1.07 -2.68 -16.35
C VAL A 104 -2.38 -3.42 -16.13
N LYS A 105 -3.29 -2.89 -15.33
CA LYS A 105 -4.55 -3.60 -15.08
C LYS A 105 -5.54 -3.33 -16.24
N ASP A 106 -5.35 -2.22 -16.99
CA ASP A 106 -6.21 -1.86 -18.12
C ASP A 106 -7.62 -1.61 -17.62
N SER A 107 -7.69 -0.81 -16.57
CA SER A 107 -8.95 -0.51 -15.94
C SER A 107 -8.88 0.80 -15.21
N GLU A 108 -10.02 1.48 -15.19
CA GLU A 108 -10.19 2.71 -14.43
C GLU A 108 -10.70 2.40 -13.01
N ASP A 109 -11.02 1.11 -12.68
CA ASP A 109 -11.52 0.73 -11.36
C ASP A 109 -10.69 -0.39 -10.70
N VAL A 110 -9.57 -0.02 -10.10
CA VAL A 110 -8.73 -1.00 -9.40
C VAL A 110 -8.76 -0.70 -7.93
N PRO A 111 -8.99 -1.72 -7.09
CA PRO A 111 -9.02 -1.47 -5.65
C PRO A 111 -7.71 -0.88 -5.16
N MET A 112 -7.82 0.27 -4.49
CA MET A 112 -6.61 0.95 -3.97
C MET A 112 -6.98 1.69 -2.70
N VAL A 113 -5.97 1.91 -1.83
CA VAL A 113 -6.13 2.76 -0.66
C VAL A 113 -4.94 3.69 -0.63
N LEU A 114 -5.17 4.98 -0.34
CA LEU A 114 -4.07 5.95 -0.23
C LEU A 114 -3.62 5.90 1.24
N VAL A 115 -2.31 5.67 1.48
CA VAL A 115 -1.75 5.54 2.85
C VAL A 115 -0.73 6.63 3.11
N GLY A 116 -0.99 7.44 4.15
CA GLY A 116 -0.03 8.43 4.59
C GLY A 116 0.70 7.89 5.80
N ASN A 117 1.90 7.39 5.61
CA ASN A 117 2.68 6.74 6.66
C ASN A 117 3.60 7.71 7.43
N LYS A 118 4.11 7.23 8.55
CA LYS A 118 4.98 7.98 9.45
C LYS A 118 4.21 9.01 10.24
N CYS A 119 2.94 8.74 10.53
CA CYS A 119 2.08 9.74 11.21
C CYS A 119 2.50 9.98 12.66
N ASP A 120 3.44 9.18 13.19
CA ASP A 120 3.95 9.39 14.54
C ASP A 120 4.95 10.55 14.58
N LEU A 121 5.50 10.98 13.42
CA LEU A 121 6.51 12.04 13.38
C LEU A 121 5.86 13.40 13.47
N PRO A 122 6.52 14.36 14.10
CA PRO A 122 5.92 15.70 14.20
C PRO A 122 6.10 16.58 12.97
N SER A 123 7.07 16.26 12.10
N SER A 123 7.07 16.26 12.10
CA SER A 123 7.40 17.12 10.97
CA SER A 123 7.41 17.11 10.97
C SER A 123 6.51 16.90 9.74
C SER A 123 6.51 16.90 9.74
N ARG A 124 5.21 17.21 9.87
CA ARG A 124 4.29 17.01 8.76
C ARG A 124 4.29 18.12 7.70
N THR A 125 4.65 17.72 6.49
CA THR A 125 4.70 18.60 5.34
C THR A 125 3.53 18.38 4.38
N VAL A 126 2.78 17.28 4.53
CA VAL A 126 1.62 16.99 3.72
C VAL A 126 0.45 17.03 4.69
N ASP A 127 -0.41 18.07 4.64
CA ASP A 127 -1.52 18.08 5.60
C ASP A 127 -2.59 17.05 5.21
N THR A 128 -3.39 16.64 6.19
CA THR A 128 -4.45 15.66 6.02
C THR A 128 -5.43 16.11 4.92
N LYS A 129 -5.81 17.39 4.89
CA LYS A 129 -6.71 17.90 3.86
C LYS A 129 -6.22 17.61 2.44
N GLN A 130 -4.92 17.88 2.14
CA GLN A 130 -4.32 17.62 0.83
C GLN A 130 -4.52 16.15 0.42
N ALA A 131 -4.26 15.23 1.36
CA ALA A 131 -4.35 13.81 1.06
C ALA A 131 -5.80 13.35 0.95
N GLN A 132 -6.68 13.90 1.79
CA GLN A 132 -8.11 13.57 1.73
C GLN A 132 -8.68 14.03 0.39
N ASP A 133 -8.26 15.20 -0.10
CA ASP A 133 -8.70 15.71 -1.40
C ASP A 133 -8.20 14.82 -2.54
N LEU A 134 -6.92 14.41 -2.50
CA LEU A 134 -6.39 13.55 -3.55
C LEU A 134 -7.15 12.20 -3.57
N ALA A 135 -7.37 11.62 -2.38
CA ALA A 135 -8.13 10.37 -2.30
C ALA A 135 -9.58 10.55 -2.80
N ARG A 136 -10.27 11.65 -2.43
CA ARG A 136 -11.64 11.88 -2.93
C ARG A 136 -11.65 12.02 -4.47
N SER A 137 -10.59 12.64 -5.05
CA SER A 137 -10.49 12.75 -6.51
C SER A 137 -10.30 11.39 -7.21
N TYR A 138 -9.74 10.40 -6.52
CA TYR A 138 -9.59 9.05 -7.05
C TYR A 138 -10.74 8.09 -6.70
N GLY A 139 -11.65 8.50 -5.83
CA GLY A 139 -12.73 7.65 -5.33
C GLY A 139 -12.24 6.52 -4.44
N ILE A 140 -11.16 6.75 -3.68
CA ILE A 140 -10.61 5.71 -2.81
C ILE A 140 -10.48 6.20 -1.40
N PRO A 141 -10.35 5.25 -0.45
CA PRO A 141 -10.14 5.65 0.93
C PRO A 141 -8.72 6.19 1.20
N PHE A 142 -8.59 7.06 2.19
CA PHE A 142 -7.32 7.60 2.71
C PHE A 142 -7.20 7.19 4.18
N ILE A 143 -6.05 6.63 4.57
CA ILE A 143 -5.79 6.22 5.95
C ILE A 143 -4.39 6.66 6.35
N GLU A 144 -4.25 7.26 7.53
CA GLU A 144 -2.93 7.63 8.04
C GLU A 144 -2.42 6.48 8.91
N THR A 145 -1.15 6.12 8.73
CA THR A 145 -0.57 5.00 9.48
C THR A 145 0.79 5.37 10.09
N SER A 146 1.20 4.56 11.08
CA SER A 146 2.56 4.56 11.59
C SER A 146 2.99 3.11 11.70
N ALA A 147 4.01 2.72 10.93
CA ALA A 147 4.56 1.38 11.09
C ALA A 147 5.28 1.26 12.44
N LYS A 148 5.69 2.40 13.05
CA LYS A 148 6.39 2.41 14.32
C LYS A 148 5.47 2.09 15.50
N THR A 149 4.32 2.74 15.55
CA THR A 149 3.37 2.54 16.64
C THR A 149 2.22 1.56 16.34
N ARG A 150 2.09 1.20 15.07
CA ARG A 150 1.03 0.34 14.52
C ARG A 150 -0.28 1.09 14.33
N GLN A 151 -0.30 2.40 14.56
CA GLN A 151 -1.52 3.19 14.30
C GLN A 151 -1.98 2.97 12.80
N GLY A 152 -3.25 2.62 12.65
CA GLY A 152 -3.83 2.49 11.33
C GLY A 152 -3.40 1.34 10.44
N VAL A 153 -2.46 0.50 10.88
CA VAL A 153 -1.93 -0.54 9.99
C VAL A 153 -2.94 -1.59 9.58
N ASP A 154 -3.64 -2.20 10.56
CA ASP A 154 -4.69 -3.17 10.24
C ASP A 154 -5.78 -2.50 9.43
N ASP A 155 -6.14 -1.28 9.78
CA ASP A 155 -7.19 -0.56 9.06
C ASP A 155 -6.81 -0.40 7.58
N ALA A 156 -5.54 -0.07 7.29
CA ALA A 156 -5.16 0.15 5.88
C ALA A 156 -5.29 -1.13 5.08
N PHE A 157 -4.75 -2.23 5.59
CA PHE A 157 -4.80 -3.50 4.83
C PHE A 157 -6.20 -4.09 4.80
N TYR A 158 -6.96 -4.01 5.92
CA TYR A 158 -8.32 -4.59 5.91
C TYR A 158 -9.27 -3.78 5.04
N THR A 159 -9.08 -2.44 4.99
CA THR A 159 -9.90 -1.60 4.13
C THR A 159 -9.61 -1.96 2.67
N LEU A 160 -8.35 -2.29 2.32
CA LEU A 160 -8.05 -2.68 0.94
C LEU A 160 -8.73 -4.03 0.63
N VAL A 161 -8.78 -4.97 1.60
CA VAL A 161 -9.52 -6.22 1.34
C VAL A 161 -11.01 -5.93 1.11
N ARG A 162 -11.58 -5.01 1.89
CA ARG A 162 -12.99 -4.66 1.70
C ARG A 162 -13.22 -4.02 0.34
N GLU A 163 -12.24 -3.25 -0.19
CA GLU A 163 -12.39 -2.66 -1.53
C GLU A 163 -12.34 -3.77 -2.59
N ILE A 164 -11.46 -4.78 -2.39
CA ILE A 164 -11.42 -5.90 -3.33
C ILE A 164 -12.76 -6.66 -3.32
N ARG A 165 -13.32 -6.92 -2.12
CA ARG A 165 -14.65 -7.57 -2.06
C ARG A 165 -15.71 -6.78 -2.79
N LYS A 166 -15.71 -5.44 -2.62
CA LYS A 166 -16.71 -4.61 -3.30
C LYS A 166 -16.55 -4.69 -4.79
N HIS A 167 -15.33 -4.69 -5.26
CA HIS A 167 -15.01 -4.78 -6.68
C HIS A 167 -15.48 -6.11 -7.25
N LYS A 168 -15.23 -7.23 -6.53
CA LYS A 168 -15.71 -8.52 -7.03
C LYS A 168 -17.22 -8.62 -7.16
N GLU A 169 -17.96 -7.77 -6.45
CA GLU A 169 -19.42 -7.82 -6.53
C GLU A 169 -20.03 -7.04 -7.66
N LYS A 170 -19.23 -6.19 -8.31
CA LYS A 170 -19.71 -5.35 -9.39
C LYS A 170 -20.11 -6.13 -10.64
MG MG B . 11.50 -1.65 1.37
S SO4 C . 7.24 -2.99 18.30
O1 SO4 C . 8.52 -3.34 17.66
O2 SO4 C . 7.36 -1.64 18.88
O3 SO4 C . 6.05 -3.07 17.43
O4 SO4 C . 7.07 -3.87 19.48
C1 A1I89 D . 5.87 0.35 -8.16
O2 A1I89 D . 6.69 -2.46 -15.09
C42 A1I89 D . 9.21 8.11 -12.27
C43 A1I89 D . 8.36 8.99 -11.31
C45 A1I89 D . 13.27 1.34 -4.83
C47 A1I89 D . 14.72 1.69 -4.98
C49 A1I89 D . 16.17 0.99 -3.77
C50 A1I89 D . 15.49 2.31 -3.79
C52 A1I89 D . 16.48 3.44 -4.20
C53 A1I89 D . 14.64 2.60 -2.51
C11 A1I89 D . 4.78 -1.85 -13.76
C12 A1I89 D . 6.14 -1.76 -13.99
C13 A1I89 D . 6.97 -1.20 -13.03
C14 A1I89 D . 8.61 8.38 -9.91
C16 A1I89 D . 10.82 0.99 -7.09
C17 A1I89 D . 10.95 1.57 -5.65
C18 A1I89 D . 10.20 2.90 -5.50
C19 A1I89 D . 11.25 3.97 -5.96
C20 A1I89 D . 12.55 3.19 -6.40
C21 A1I89 D . 12.41 2.74 -7.87
C24 A1I89 D . 8.29 2.28 -10.36
C26 A1I89 D . 7.32 1.52 -10.98
C27 A1I89 D . 6.45 -0.64 -11.85
C28 A1I89 D . 7.40 0.12 -11.02
C30 A1I89 D . 9.33 0.24 -9.72
F3 A1I89 D . 2.60 0.07 -9.01
C4 A1I89 D . 5.26 0.09 -9.18
C5 A1I89 D . 4.50 -0.30 -10.35
C6 A1I89 D . 3.12 -0.39 -10.16
C7 A1I89 D . 2.28 -0.90 -11.16
C8 A1I89 D . 2.86 -1.35 -12.35
C9 A1I89 D . 5.07 -0.71 -11.60
C10 A1I89 D . 4.23 -1.31 -12.57
N15 A1I89 D . 12.33 2.02 -5.56
N22 A1I89 D . 11.19 2.00 -8.12
N23 A1I89 D . 8.28 3.61 -10.46
F25 A1I89 D . 6.28 2.16 -11.61
N29 A1I89 D . 8.46 -0.47 -10.45
C31 A1I89 D . 9.32 1.65 -9.62
C32 A1I89 D . 10.28 2.45 -9.00
N33 A1I89 D . 10.30 3.78 -9.23
C34 A1I89 D . 9.22 4.32 -9.85
O35 A1I89 D . 9.23 5.68 -10.08
C36 A1I89 D . 10.19 6.47 -9.39
C37 A1I89 D . 10.08 7.88 -10.01
C38 A1I89 D . 11.14 8.78 -9.32
C39 A1I89 D . 12.29 8.86 -10.35
C40 A1I89 D . 11.64 8.67 -11.71
N41 A1I89 D . 10.42 7.83 -11.47
F44 A1I89 D . 8.83 10.30 -11.37
O46 A1I89 D . 12.99 0.34 -4.17
O48 A1I89 D . 15.52 0.45 -4.78
O51 A1I89 D . 17.06 0.50 -3.09
PB GDP E . 10.61 1.45 2.02
O1B GDP E . 10.51 -0.03 2.11
O2B GDP E . 9.28 2.16 1.56
O3B GDP E . 11.89 1.95 1.23
O3A GDP E . 10.80 2.11 3.50
PA GDP E . 11.30 1.31 4.86
O1A GDP E . 10.30 0.44 5.48
O2A GDP E . 12.74 0.78 4.52
O5' GDP E . 11.48 2.56 5.84
C5' GDP E . 12.40 3.62 5.52
C4' GDP E . 12.84 4.32 6.84
O4' GDP E . 11.69 4.91 7.48
C3' GDP E . 13.46 3.33 7.86
O3' GDP E . 14.53 4.02 8.58
C2' GDP E . 12.25 3.01 8.77
O2' GDP E . 12.61 2.67 10.11
C1' GDP E . 11.45 4.34 8.79
N9 GDP E . 10.01 4.16 9.00
C8 GDP E . 9.17 3.45 8.26
N7 GDP E . 7.96 3.58 8.63
C5 GDP E . 7.97 4.45 9.77
C6 GDP E . 6.95 5.05 10.60
O6 GDP E . 5.77 4.87 10.41
N1 GDP E . 7.47 5.90 11.53
C2 GDP E . 8.80 6.17 11.69
N2 GDP E . 9.12 7.04 12.61
N3 GDP E . 9.71 5.71 10.88
C4 GDP E . 9.28 4.77 9.89
#